data_2B0E
#
_entry.id   2B0E
#
_cell.length_a   48.100
_cell.length_b   48.500
_cell.length_c   63.900
_cell.angle_alpha   97.00
_cell.angle_beta   109.00
_cell.angle_gamma   106.70
#
_symmetry.space_group_name_H-M   'P 1'
#
loop_
_entity.id
_entity.type
_entity.pdbx_description
1 polymer "5'-D(*AP*AP*AP*GP*AP*AP*(DU)P*TP*CP*TP*T)-3'"
2 polymer 'Type II restriction enzyme EcoRV'
3 non-polymer 'CALCIUM ION'
4 water water
#
loop_
_entity_poly.entity_id
_entity_poly.type
_entity_poly.pdbx_seq_one_letter_code
_entity_poly.pdbx_strand_id
1 'polydeoxyribonucleotide' (DA)(DA)(DA)(DG)(DA)(DA)(DU)(DT)(DC)(DT)(DT) C,D
2 'polypeptide(L)'
;MSLRSDLINALYDENQKYDVCGIISAEGKIYPLGSDTKVLSTIFELFSRPIINKIAEKHGYIVEEPKQQNHYPDFTLYKP
SEPNKKIAIDIKTTYTNKENEKIKFTLGGYTSFIRNNTKNIVYPFDQYIAHWIIGYVYTRVATRKSSLKTYNINELNEIP
KPYKGVKVFLQDKWVIAGDLAGSGNTTNIGSIHAHYKDFVEGKGIFDSEDEFLDYWRNYERTSQLRNDKYNNISEYRNWI
YRGRK
;
A,B
#
# COMPACT_ATOMS: atom_id res chain seq x y z
N SER C 2 -7.98 -13.41 29.38
CA SER C 2 -7.13 -13.85 28.27
C SER C 2 -6.82 -12.68 27.36
N LEU C 3 -5.57 -12.58 26.93
CA LEU C 3 -5.14 -11.50 26.04
C LEU C 3 -5.99 -11.54 24.77
N ARG C 4 -6.02 -12.71 24.14
CA ARG C 4 -6.78 -12.93 22.92
C ARG C 4 -8.26 -12.61 23.13
N SER C 5 -8.82 -13.10 24.23
CA SER C 5 -10.23 -12.85 24.55
C SER C 5 -10.51 -11.35 24.65
N ASP C 6 -9.71 -10.67 25.44
CA ASP C 6 -9.86 -9.23 25.64
C ASP C 6 -9.60 -8.40 24.38
N LEU C 7 -8.62 -8.84 23.58
CA LEU C 7 -8.26 -8.13 22.36
C LEU C 7 -9.38 -8.17 21.34
N ILE C 8 -9.90 -9.35 21.07
CA ILE C 8 -10.97 -9.43 20.09
C ILE C 8 -12.22 -8.70 20.59
N ASN C 9 -12.44 -8.69 21.90
CA ASN C 9 -13.61 -8.00 22.44
C ASN C 9 -13.44 -6.49 22.27
N ALA C 10 -12.21 -6.01 22.49
CA ALA C 10 -11.90 -4.60 22.37
C ALA C 10 -12.05 -4.12 20.92
N LEU C 11 -11.53 -4.91 19.98
CA LEU C 11 -11.58 -4.59 18.55
C LEU C 11 -13.01 -4.64 18.05
N TYR C 12 -13.72 -5.72 18.40
CA TYR C 12 -15.11 -5.92 18.02
C TYR C 12 -15.96 -4.76 18.53
N ASP C 13 -15.62 -4.31 19.73
CA ASP C 13 -16.31 -3.20 20.37
C ASP C 13 -15.98 -1.84 19.72
N GLU C 14 -14.71 -1.56 19.50
CA GLU C 14 -14.29 -0.28 18.89
C GLU C 14 -14.94 -0.13 17.50
N ASN C 15 -14.87 -1.21 16.73
CA ASN C 15 -15.42 -1.29 15.38
C ASN C 15 -16.89 -0.89 15.40
N GLN C 16 -17.60 -1.48 16.36
CA GLN C 16 -19.01 -1.27 16.59
C GLN C 16 -19.35 0.15 17.01
N LYS C 17 -18.50 0.78 17.81
CA LYS C 17 -18.80 2.11 18.32
C LYS C 17 -18.24 3.34 17.61
N TYR C 18 -17.28 3.14 16.70
CA TYR C 18 -16.68 4.28 16.01
C TYR C 18 -16.53 4.08 14.52
N ASP C 19 -16.83 5.13 13.75
CA ASP C 19 -16.72 5.08 12.30
C ASP C 19 -15.76 6.13 11.78
N VAL C 20 -14.63 5.69 11.22
CA VAL C 20 -13.64 6.62 10.66
C VAL C 20 -14.29 7.26 9.42
N CYS C 21 -14.07 8.56 9.19
CA CYS C 21 -14.66 9.25 8.05
C CYS C 21 -13.76 10.28 7.37
N GLY C 22 -12.57 10.51 7.89
CA GLY C 22 -11.68 11.47 7.25
C GLY C 22 -10.38 11.68 8.00
N ILE C 23 -9.44 12.39 7.37
CA ILE C 23 -8.16 12.70 8.00
C ILE C 23 -8.24 14.18 8.39
N ILE C 24 -7.74 14.49 9.57
CA ILE C 24 -7.81 15.86 10.06
C ILE C 24 -6.43 16.48 10.25
N SER C 25 -6.36 17.79 10.03
CA SER C 25 -5.12 18.53 10.19
C SER C 25 -5.11 19.20 11.56
N ALA C 26 -3.94 19.58 12.04
CA ALA C 26 -3.83 20.24 13.33
C ALA C 26 -4.71 21.49 13.37
N GLU C 27 -4.87 22.10 12.20
CA GLU C 27 -5.65 23.30 12.04
C GLU C 27 -7.13 22.98 11.99
N GLY C 28 -7.48 21.70 12.11
CA GLY C 28 -8.88 21.28 12.10
C GLY C 28 -9.57 21.00 10.76
N LYS C 29 -8.83 21.05 9.66
CA LYS C 29 -9.44 20.79 8.35
C LYS C 29 -9.54 19.28 8.11
N ILE C 30 -10.64 18.85 7.53
CA ILE C 30 -10.86 17.43 7.29
C ILE C 30 -10.96 17.03 5.82
N TYR C 31 -10.19 16.01 5.44
CA TYR C 31 -10.15 15.48 4.10
C TYR C 31 -10.82 14.10 4.12
N PRO C 32 -11.85 13.90 3.27
CA PRO C 32 -12.60 12.64 3.15
C PRO C 32 -11.74 11.45 2.73
N LEU C 33 -12.24 10.25 2.97
CA LEU C 33 -11.50 9.05 2.62
C LEU C 33 -11.89 8.50 1.26
N GLY C 34 -11.05 7.59 0.75
CA GLY C 34 -11.31 6.95 -0.53
C GLY C 34 -11.79 5.54 -0.24
N SER C 35 -12.34 4.87 -1.26
CA SER C 35 -12.86 3.51 -1.11
C SER C 35 -11.88 2.39 -1.53
N ASP C 36 -10.63 2.75 -1.77
CA ASP C 36 -9.59 1.80 -2.16
C ASP C 36 -9.19 0.96 -0.92
N THR C 37 -8.92 -0.32 -1.10
CA THR C 37 -8.48 -1.14 0.02
C THR C 37 -7.11 -0.59 0.45
N LYS C 38 -6.37 -0.01 -0.50
CA LYS C 38 -5.07 0.55 -0.19
C LYS C 38 -5.23 1.59 0.92
N VAL C 39 -6.26 2.41 0.81
CA VAL C 39 -6.56 3.46 1.79
C VAL C 39 -7.11 2.86 3.09
N LEU C 40 -8.21 2.11 2.96
CA LEU C 40 -8.88 1.49 4.09
C LEU C 40 -8.05 0.53 4.94
N SER C 41 -7.14 -0.21 4.32
CA SER C 41 -6.29 -1.12 5.07
C SER C 41 -5.37 -0.31 5.98
N THR C 42 -4.90 0.83 5.49
CA THR C 42 -4.00 1.70 6.24
C THR C 42 -4.78 2.27 7.42
N ILE C 43 -6.05 2.58 7.17
CA ILE C 43 -6.97 3.15 8.15
C ILE C 43 -7.25 2.10 9.25
N PHE C 44 -7.68 0.91 8.84
CA PHE C 44 -7.97 -0.18 9.78
C PHE C 44 -6.77 -0.52 10.66
N GLU C 45 -5.54 -0.34 10.15
CA GLU C 45 -4.35 -0.60 10.97
C GLU C 45 -4.20 0.50 12.04
N LEU C 46 -4.40 1.74 11.62
CA LEU C 46 -4.27 2.86 12.55
C LEU C 46 -5.36 2.81 13.61
N PHE C 47 -6.54 2.37 13.22
CA PHE C 47 -7.69 2.26 14.10
C PHE C 47 -7.43 1.19 15.17
N SER C 48 -6.71 0.14 14.78
CA SER C 48 -6.34 -0.99 15.62
C SER C 48 -5.20 -0.76 16.58
N ARG C 49 -4.25 0.09 16.20
CA ARG C 49 -3.08 0.34 17.01
C ARG C 49 -3.28 0.67 18.50
N PRO C 50 -4.07 1.71 18.83
CA PRO C 50 -4.25 2.02 20.25
C PRO C 50 -4.96 0.92 21.04
N ILE C 51 -5.92 0.24 20.43
CA ILE C 51 -6.65 -0.82 21.10
C ILE C 51 -5.71 -1.96 21.45
N ILE C 52 -4.86 -2.36 20.50
CA ILE C 52 -3.90 -3.43 20.72
C ILE C 52 -2.97 -3.04 21.87
N ASN C 53 -2.56 -1.77 21.85
CA ASN C 53 -1.67 -1.25 22.87
C ASN C 53 -2.29 -1.31 24.26
N LYS C 54 -3.57 -0.92 24.38
CA LYS C 54 -4.27 -0.93 25.67
C LYS C 54 -4.39 -2.32 26.28
N ILE C 55 -4.91 -3.25 25.50
CA ILE C 55 -5.08 -4.63 25.92
C ILE C 55 -3.76 -5.32 26.28
N ALA C 56 -2.73 -5.07 25.47
CA ALA C 56 -1.39 -5.64 25.70
C ALA C 56 -0.85 -5.17 27.04
N GLU C 57 -0.86 -3.86 27.26
CA GLU C 57 -0.38 -3.28 28.51
C GLU C 57 -1.19 -3.84 29.68
N LYS C 58 -2.49 -3.99 29.46
CA LYS C 58 -3.41 -4.53 30.47
C LYS C 58 -2.94 -5.94 30.89
N HIS C 59 -2.36 -6.67 29.95
CA HIS C 59 -1.88 -8.02 30.20
C HIS C 59 -0.37 -8.10 30.41
N GLY C 60 0.24 -6.94 30.63
CA GLY C 60 1.69 -6.88 30.88
C GLY C 60 2.58 -7.09 29.67
N TYR C 61 1.99 -7.03 28.49
CA TYR C 61 2.72 -7.23 27.25
C TYR C 61 3.31 -5.96 26.67
N ILE C 62 4.47 -6.10 26.07
CA ILE C 62 5.15 -5.01 25.41
C ILE C 62 4.82 -5.16 23.93
N VAL C 63 4.43 -4.06 23.30
CA VAL C 63 4.11 -4.10 21.87
C VAL C 63 5.23 -3.38 21.11
N GLU C 64 5.74 -4.05 20.09
CA GLU C 64 6.81 -3.54 19.26
C GLU C 64 6.32 -3.55 17.83
N GLU C 65 6.59 -2.48 17.10
CA GLU C 65 6.22 -2.42 15.70
C GLU C 65 7.50 -2.42 14.89
N PRO C 66 7.44 -2.90 13.63
CA PRO C 66 8.66 -2.91 12.83
C PRO C 66 9.36 -1.55 12.72
N LYS C 67 10.69 -1.61 12.80
CA LYS C 67 11.53 -0.42 12.71
C LYS C 67 11.74 -0.08 11.24
N GLN C 68 12.00 -1.11 10.44
CA GLN C 68 12.21 -0.94 9.02
C GLN C 68 11.06 -1.61 8.30
N GLN C 69 10.69 -1.06 7.14
CA GLN C 69 9.61 -1.62 6.36
C GLN C 69 10.05 -2.97 5.79
N ASN C 70 9.11 -3.72 5.23
CA ASN C 70 9.42 -5.03 4.65
C ASN C 70 9.68 -6.05 5.73
N HIS C 71 9.23 -5.74 6.94
CA HIS C 71 9.40 -6.63 8.09
C HIS C 71 8.05 -7.01 8.69
N TYR C 72 7.88 -8.30 8.95
CA TYR C 72 6.69 -8.86 9.58
C TYR C 72 7.03 -9.01 11.09
N PRO C 73 6.04 -8.88 11.99
CA PRO C 73 4.62 -8.60 11.78
C PRO C 73 4.33 -7.13 12.14
N ASP C 74 3.09 -6.72 11.95
CA ASP C 74 2.67 -5.37 12.28
C ASP C 74 2.95 -5.09 13.75
N PHE C 75 2.55 -6.03 14.61
CA PHE C 75 2.75 -5.89 16.03
C PHE C 75 3.32 -7.17 16.64
N THR C 76 4.41 -7.02 17.40
CA THR C 76 5.03 -8.13 18.11
C THR C 76 4.73 -7.88 19.59
N LEU C 77 4.05 -8.83 20.24
CA LEU C 77 3.70 -8.72 21.65
C LEU C 77 4.51 -9.68 22.51
N TYR C 78 5.09 -9.17 23.60
CA TYR C 78 5.88 -10.03 24.48
C TYR C 78 6.11 -9.53 25.91
N LYS C 79 6.24 -10.49 26.81
CA LYS C 79 6.52 -10.24 28.23
C LYS C 79 8.03 -10.39 28.34
N PRO C 80 8.70 -9.47 29.06
CA PRO C 80 10.15 -9.64 29.16
C PRO C 80 10.54 -10.98 29.77
N SER C 81 9.63 -11.55 30.56
CA SER C 81 9.86 -12.84 31.21
C SER C 81 9.62 -14.01 30.26
N GLU C 82 8.93 -13.76 29.15
CA GLU C 82 8.61 -14.78 28.15
C GLU C 82 9.09 -14.30 26.78
N PRO C 83 10.40 -14.00 26.63
CA PRO C 83 10.92 -13.53 25.35
C PRO C 83 10.83 -14.51 24.19
N ASN C 84 10.90 -15.82 24.46
CA ASN C 84 10.83 -16.80 23.38
C ASN C 84 9.40 -17.29 23.14
N LYS C 85 8.42 -16.60 23.71
CA LYS C 85 7.03 -16.96 23.54
C LYS C 85 6.27 -15.71 23.09
N LYS C 86 6.87 -15.00 22.13
CA LYS C 86 6.26 -13.79 21.61
C LYS C 86 5.07 -14.18 20.76
N ILE C 87 4.17 -13.23 20.57
CA ILE C 87 3.02 -13.49 19.74
C ILE C 87 3.01 -12.41 18.64
N ALA C 88 2.75 -12.87 17.42
CA ALA C 88 2.72 -12.00 16.26
C ALA C 88 1.28 -11.66 15.90
N ILE C 89 1.03 -10.38 15.68
CA ILE C 89 -0.29 -9.91 15.30
C ILE C 89 -0.07 -9.08 14.03
N ASP C 90 -0.84 -9.45 12.99
CA ASP C 90 -0.77 -8.83 11.68
C ASP C 90 -2.17 -8.40 11.23
N ILE C 91 -2.28 -7.19 10.70
CA ILE C 91 -3.57 -6.69 10.22
C ILE C 91 -3.72 -7.00 8.72
N LYS C 92 -4.86 -7.58 8.35
CA LYS C 92 -5.17 -7.92 6.97
C LYS C 92 -6.53 -7.35 6.60
N THR C 93 -6.69 -6.94 5.35
CA THR C 93 -7.95 -6.38 4.90
C THR C 93 -8.36 -6.92 3.51
N THR C 94 -9.67 -7.00 3.30
CA THR C 94 -10.27 -7.42 2.05
C THR C 94 -11.64 -6.79 1.99
N TYR C 95 -12.29 -6.87 0.84
CA TYR C 95 -13.60 -6.26 0.71
C TYR C 95 -14.59 -7.14 -0.04
N THR C 96 -15.85 -6.69 -0.07
CA THR C 96 -16.92 -7.37 -0.78
C THR C 96 -17.64 -6.37 -1.68
N LYS C 102 -18.44 -14.69 0.04
CA LYS C 102 -17.10 -15.27 0.23
C LYS C 102 -15.95 -14.27 0.06
N ILE C 103 -14.94 -14.41 0.90
CA ILE C 103 -13.82 -13.51 0.88
C ILE C 103 -12.57 -14.35 0.98
N LYS C 104 -11.42 -13.69 0.81
CA LYS C 104 -10.12 -14.33 0.90
C LYS C 104 -9.10 -13.26 1.23
N PHE C 105 -8.04 -13.64 1.93
CA PHE C 105 -6.97 -12.74 2.32
C PHE C 105 -5.63 -13.30 1.83
N THR C 106 -4.61 -12.44 1.72
CA THR C 106 -3.27 -12.87 1.34
C THR C 106 -2.61 -12.92 2.72
N LEU C 107 -2.14 -14.09 3.10
CA LEU C 107 -1.57 -14.29 4.43
C LEU C 107 -0.09 -14.15 4.56
N GLY C 108 0.50 -13.24 3.79
CA GLY C 108 1.93 -13.03 3.91
C GLY C 108 2.70 -13.99 3.03
N GLY C 109 3.96 -13.69 2.82
CA GLY C 109 4.79 -14.52 1.97
C GLY C 109 5.17 -15.88 2.51
N TYR C 110 5.41 -16.81 1.59
CA TYR C 110 5.85 -18.14 1.99
C TYR C 110 7.32 -18.34 1.64
N THR C 111 7.99 -17.26 1.24
CA THR C 111 9.39 -17.32 0.84
C THR C 111 10.37 -16.58 1.78
N SER C 112 9.84 -15.90 2.78
CA SER C 112 10.71 -15.16 3.70
C SER C 112 10.94 -15.89 5.06
N PHE C 113 10.29 -15.40 6.13
CA PHE C 113 10.41 -15.96 7.49
C PHE C 113 9.96 -17.41 7.67
N ILE C 114 8.98 -17.89 6.89
CA ILE C 114 8.59 -19.27 7.06
C ILE C 114 9.64 -20.25 6.51
N ARG C 115 10.46 -19.82 5.56
CA ARG C 115 11.52 -20.68 5.02
C ARG C 115 12.87 -20.27 5.60
N ASN C 116 12.95 -19.07 6.17
CA ASN C 116 14.18 -18.57 6.78
C ASN C 116 13.88 -17.87 8.09
N ASN C 117 14.28 -18.51 9.18
CA ASN C 117 14.08 -18.03 10.55
C ASN C 117 14.24 -16.53 10.81
N THR C 118 15.18 -15.89 10.13
CA THR C 118 15.44 -14.47 10.34
C THR C 118 15.13 -13.54 9.18
N LYS C 119 14.56 -14.09 8.11
CA LYS C 119 14.30 -13.29 6.92
C LYS C 119 12.99 -12.47 6.92
N ASN C 120 13.14 -11.15 6.90
CA ASN C 120 12.02 -10.21 6.84
C ASN C 120 11.06 -10.29 8.02
N ILE C 121 11.62 -10.42 9.21
CA ILE C 121 10.80 -10.53 10.41
C ILE C 121 11.54 -9.77 11.50
N VAL C 122 10.78 -9.11 12.38
CA VAL C 122 11.34 -8.32 13.46
C VAL C 122 12.18 -9.20 14.39
N TYR C 123 11.61 -10.33 14.80
CA TYR C 123 12.35 -11.25 15.65
C TYR C 123 12.37 -12.59 14.93
N PRO C 124 13.38 -13.43 15.23
CA PRO C 124 13.51 -14.75 14.61
C PRO C 124 12.23 -15.54 14.83
N PHE C 125 11.72 -16.13 13.75
CA PHE C 125 10.49 -16.92 13.71
C PHE C 125 10.40 -17.85 14.93
N ASP C 126 11.57 -18.23 15.43
CA ASP C 126 11.77 -19.08 16.61
C ASP C 126 10.98 -18.63 17.83
N GLN C 127 11.19 -17.37 18.20
CA GLN C 127 10.56 -16.83 19.38
C GLN C 127 9.07 -16.50 19.38
N TYR C 128 8.35 -16.87 18.33
CA TYR C 128 6.91 -16.63 18.29
C TYR C 128 6.21 -17.96 18.47
N ILE C 129 5.21 -17.98 19.33
CA ILE C 129 4.46 -19.19 19.60
C ILE C 129 3.05 -19.12 19.06
N ALA C 130 2.68 -17.94 18.59
CA ALA C 130 1.36 -17.70 18.03
C ALA C 130 1.51 -16.66 16.91
N HIS C 131 0.67 -16.78 15.90
CA HIS C 131 0.68 -15.85 14.77
C HIS C 131 -0.78 -15.54 14.52
N TRP C 132 -1.23 -14.39 15.03
CA TRP C 132 -2.61 -13.96 14.87
C TRP C 132 -2.84 -12.97 13.72
N ILE C 133 -4.03 -13.04 13.16
CA ILE C 133 -4.45 -12.18 12.09
C ILE C 133 -5.71 -11.43 12.52
N ILE C 134 -5.63 -10.11 12.56
CA ILE C 134 -6.80 -9.30 12.85
C ILE C 134 -7.32 -9.00 11.44
N GLY C 135 -8.37 -9.68 11.02
CA GLY C 135 -8.91 -9.50 9.69
C GLY C 135 -10.08 -8.57 9.64
N TYR C 136 -10.06 -7.67 8.66
CA TYR C 136 -11.13 -6.70 8.46
C TYR C 136 -11.72 -6.91 7.08
N VAL C 137 -13.05 -6.90 7.00
CA VAL C 137 -13.73 -7.03 5.73
C VAL C 137 -14.75 -5.89 5.67
N TYR C 138 -14.78 -5.22 4.52
CA TYR C 138 -15.71 -4.12 4.33
C TYR C 138 -16.44 -4.31 3.02
N THR C 139 -17.63 -3.76 2.94
CA THR C 139 -18.41 -3.82 1.72
C THR C 139 -18.11 -2.46 1.09
N ARG C 140 -17.53 -2.47 -0.10
CA ARG C 140 -17.21 -1.22 -0.78
C ARG C 140 -18.47 -0.47 -1.18
N VAL C 141 -18.40 0.86 -1.12
CA VAL C 141 -19.53 1.72 -1.46
C VAL C 141 -19.13 2.71 -2.54
N LEU C 148 -15.31 14.82 -2.36
CA LEU C 148 -14.21 15.39 -3.14
C LEU C 148 -13.78 16.75 -2.60
N LYS C 149 -14.43 17.19 -1.54
CA LYS C 149 -14.15 18.47 -0.92
C LYS C 149 -13.79 18.22 0.55
N THR C 150 -13.54 19.31 1.28
CA THR C 150 -13.20 19.20 2.69
C THR C 150 -14.39 19.56 3.57
N TYR C 151 -14.23 19.28 4.86
CA TYR C 151 -15.25 19.55 5.85
C TYR C 151 -14.62 20.18 7.07
N ASN C 152 -15.45 20.83 7.88
CA ASN C 152 -15.00 21.46 9.11
C ASN C 152 -15.41 20.47 10.19
N ILE C 153 -14.88 20.65 11.39
CA ILE C 153 -15.22 19.78 12.53
C ILE C 153 -16.73 19.72 12.74
N ASN C 154 -17.40 20.86 12.53
CA ASN C 154 -18.83 20.95 12.70
C ASN C 154 -19.64 20.10 11.73
N GLU C 155 -18.95 19.35 10.86
CA GLU C 155 -19.63 18.51 9.86
C GLU C 155 -19.31 17.01 9.93
N LEU C 156 -18.60 16.58 10.98
CA LEU C 156 -18.24 15.16 11.12
C LEU C 156 -19.28 14.11 10.71
N ASN C 157 -20.53 14.36 11.07
CA ASN C 157 -21.61 13.42 10.76
C ASN C 157 -22.11 13.47 9.32
N GLU C 158 -21.72 14.51 8.59
CA GLU C 158 -22.14 14.70 7.18
C GLU C 158 -21.21 14.11 6.11
N ILE C 159 -19.96 13.86 6.49
CA ILE C 159 -18.96 13.28 5.59
C ILE C 159 -19.33 11.85 5.18
N PRO C 160 -19.54 11.60 3.87
CA PRO C 160 -19.89 10.27 3.37
C PRO C 160 -18.82 9.23 3.68
N LYS C 161 -19.19 8.14 4.36
CA LYS C 161 -18.23 7.08 4.71
C LYS C 161 -18.01 6.15 3.51
N PRO C 162 -16.74 5.89 3.17
CA PRO C 162 -16.30 5.02 2.05
C PRO C 162 -16.51 3.51 2.15
N TYR C 163 -17.42 3.06 3.02
CA TYR C 163 -17.67 1.64 3.22
C TYR C 163 -19.06 1.44 3.80
N LYS C 164 -19.58 0.23 3.69
CA LYS C 164 -20.92 -0.07 4.21
C LYS C 164 -20.89 -0.78 5.57
N GLY C 165 -20.41 -2.02 5.62
CA GLY C 165 -20.40 -2.74 6.89
C GLY C 165 -19.14 -3.51 7.24
N VAL C 166 -18.22 -2.83 7.94
CA VAL C 166 -16.98 -3.47 8.32
C VAL C 166 -17.16 -4.51 9.42
N LYS C 167 -16.47 -5.63 9.27
CA LYS C 167 -16.50 -6.71 10.24
C LYS C 167 -15.06 -7.00 10.58
N VAL C 168 -14.81 -7.52 11.78
CA VAL C 168 -13.46 -7.83 12.19
C VAL C 168 -13.41 -9.19 12.92
N PHE C 169 -12.33 -9.93 12.73
CA PHE C 169 -12.16 -11.21 13.41
C PHE C 169 -10.74 -11.31 13.92
N LEU C 170 -10.50 -12.28 14.79
CA LEU C 170 -9.17 -12.50 15.30
C LEU C 170 -9.04 -14.01 15.22
N GLN C 171 -8.07 -14.47 14.43
CA GLN C 171 -7.82 -15.89 14.26
C GLN C 171 -6.35 -16.20 14.10
N ASP C 172 -6.01 -17.47 14.23
CA ASP C 172 -4.63 -17.89 14.05
C ASP C 172 -4.49 -18.05 12.54
N LYS C 173 -3.34 -17.61 12.04
CA LYS C 173 -3.02 -17.67 10.62
C LYS C 173 -3.11 -19.08 10.07
N TRP C 174 -2.48 -20.05 10.74
CA TRP C 174 -2.51 -21.42 10.26
C TRP C 174 -3.92 -21.95 10.14
N VAL C 175 -4.81 -21.46 10.99
CA VAL C 175 -6.19 -21.93 11.01
C VAL C 175 -7.06 -21.43 9.85
N ILE C 176 -6.72 -20.27 9.28
CA ILE C 176 -7.51 -19.71 8.18
C ILE C 176 -6.81 -19.81 6.83
N ALA C 177 -5.63 -20.42 6.84
CA ALA C 177 -4.82 -20.62 5.66
C ALA C 177 -5.45 -21.66 4.75
N GLY C 178 -5.32 -21.43 3.45
CA GLY C 178 -5.84 -22.34 2.44
C GLY C 178 -4.65 -23.02 1.77
N ASP C 179 -4.91 -23.74 0.70
CA ASP C 179 -3.87 -24.47 -0.03
C ASP C 179 -3.41 -23.79 -1.34
N LEU C 180 -4.12 -22.75 -1.75
CA LEU C 180 -3.78 -22.03 -2.97
C LEU C 180 -3.16 -20.69 -2.65
N ALA C 181 -2.11 -20.33 -3.37
CA ALA C 181 -1.41 -19.08 -3.14
C ALA C 181 -2.32 -17.85 -3.19
N GLY C 182 -1.97 -16.85 -2.39
CA GLY C 182 -2.74 -15.62 -2.34
C GLY C 182 -2.34 -14.67 -3.45
N SER C 183 -1.08 -14.74 -3.88
CA SER C 183 -0.59 -13.89 -4.94
C SER C 183 0.49 -14.65 -5.71
N GLY C 184 0.76 -14.20 -6.93
CA GLY C 184 1.74 -14.85 -7.76
C GLY C 184 3.17 -14.37 -7.58
N ASN C 185 3.54 -13.29 -8.28
CA ASN C 185 4.90 -12.77 -8.24
C ASN C 185 5.41 -12.40 -6.87
N THR C 186 4.50 -12.09 -5.98
CA THR C 186 4.86 -11.70 -4.61
C THR C 186 4.62 -12.87 -3.62
N THR C 187 4.57 -14.08 -4.18
CA THR C 187 4.41 -15.33 -3.44
C THR C 187 3.79 -15.29 -2.03
N ASN C 188 2.50 -15.00 -1.95
CA ASN C 188 1.81 -14.99 -0.66
C ASN C 188 1.02 -16.26 -0.42
N ILE C 189 0.89 -16.62 0.86
CA ILE C 189 0.08 -17.76 1.26
C ILE C 189 -1.33 -17.22 1.09
N GLY C 190 -2.23 -18.02 0.51
CA GLY C 190 -3.60 -17.58 0.32
C GLY C 190 -4.41 -18.18 1.43
N SER C 191 -5.49 -17.52 1.80
CA SER C 191 -6.37 -18.02 2.85
C SER C 191 -7.51 -18.85 2.23
N ILE C 192 -8.37 -19.39 3.08
CA ILE C 192 -9.52 -20.14 2.60
C ILE C 192 -10.36 -19.11 1.88
N HIS C 193 -11.15 -19.55 0.92
CA HIS C 193 -12.03 -18.66 0.21
C HIS C 193 -13.38 -19.05 0.79
N ALA C 194 -13.85 -18.25 1.74
CA ALA C 194 -15.10 -18.57 2.43
C ALA C 194 -15.75 -17.34 3.05
N HIS C 195 -16.90 -17.56 3.67
CA HIS C 195 -17.66 -16.49 4.34
C HIS C 195 -16.99 -16.12 5.65
N TYR C 196 -17.23 -14.89 6.07
CA TYR C 196 -16.68 -14.31 7.30
C TYR C 196 -16.74 -15.26 8.51
N LYS C 197 -17.91 -15.86 8.76
CA LYS C 197 -18.13 -16.79 9.86
C LYS C 197 -17.14 -17.96 9.89
N ASP C 198 -16.78 -18.47 8.71
CA ASP C 198 -15.82 -19.56 8.62
C ASP C 198 -14.47 -19.14 9.15
N PHE C 199 -14.19 -17.84 9.08
CA PHE C 199 -12.94 -17.31 9.60
C PHE C 199 -13.01 -17.27 11.13
N VAL C 200 -14.11 -16.71 11.64
CA VAL C 200 -14.35 -16.62 13.08
C VAL C 200 -14.29 -18.02 13.71
N GLU C 201 -14.97 -18.96 13.07
CA GLU C 201 -15.03 -20.35 13.54
C GLU C 201 -13.78 -21.16 13.26
N GLY C 202 -12.87 -20.60 12.44
CA GLY C 202 -11.64 -21.28 12.12
C GLY C 202 -11.76 -22.54 11.27
N LYS C 203 -12.67 -22.53 10.30
CA LYS C 203 -12.88 -23.69 9.45
C LYS C 203 -11.88 -23.74 8.28
N GLY C 204 -10.62 -24.07 8.58
CA GLY C 204 -9.58 -24.12 7.57
C GLY C 204 -9.42 -25.46 6.86
N ILE C 205 -8.28 -25.67 6.21
CA ILE C 205 -8.04 -26.94 5.53
C ILE C 205 -6.97 -27.79 6.21
N PHE C 206 -6.07 -27.14 6.96
CA PHE C 206 -5.01 -27.85 7.63
C PHE C 206 -5.44 -28.50 8.92
N ASP C 207 -4.83 -29.64 9.20
CA ASP C 207 -5.14 -30.40 10.41
C ASP C 207 -4.28 -30.00 11.60
N SER C 208 -3.15 -29.36 11.32
CA SER C 208 -2.26 -28.89 12.35
C SER C 208 -1.46 -27.70 11.85
N GLU C 209 -0.81 -27.01 12.77
CA GLU C 209 0.01 -25.86 12.40
C GLU C 209 1.25 -26.38 11.68
N ASP C 210 1.64 -27.61 11.99
CA ASP C 210 2.79 -28.24 11.36
C ASP C 210 2.49 -28.57 9.90
N GLU C 211 1.31 -29.13 9.63
CA GLU C 211 0.95 -29.46 8.27
C GLU C 211 0.94 -28.14 7.48
N PHE C 212 0.38 -27.09 8.09
CA PHE C 212 0.34 -25.76 7.47
C PHE C 212 1.74 -25.30 7.08
N LEU C 213 2.67 -25.33 8.03
CA LEU C 213 4.05 -24.91 7.78
C LEU C 213 4.74 -25.77 6.71
N ASP C 214 4.60 -27.08 6.83
CA ASP C 214 5.22 -28.00 5.88
C ASP C 214 4.71 -27.70 4.47
N TYR C 215 3.40 -27.58 4.34
CA TYR C 215 2.77 -27.30 3.05
C TYR C 215 3.26 -26.05 2.34
N TRP C 216 3.29 -24.91 3.02
CA TRP C 216 3.73 -23.68 2.38
C TRP C 216 5.23 -23.55 2.29
N ARG C 217 5.91 -24.40 3.07
CA ARG C 217 7.36 -24.44 3.11
C ARG C 217 7.91 -25.21 1.89
N ASN C 218 7.08 -26.06 1.29
CA ASN C 218 7.51 -26.84 0.13
C ASN C 218 6.65 -26.60 -1.11
N TYR C 219 5.83 -25.54 -1.04
CA TYR C 219 4.93 -25.13 -2.12
C TYR C 219 5.78 -24.47 -3.21
N GLU C 220 5.64 -24.96 -4.44
CA GLU C 220 6.40 -24.42 -5.55
C GLU C 220 5.73 -23.17 -6.13
N ARG C 221 6.56 -22.19 -6.48
CA ARG C 221 6.11 -20.92 -7.02
C ARG C 221 5.13 -20.93 -8.20
N THR C 222 5.38 -21.79 -9.18
CA THR C 222 4.51 -21.84 -10.34
C THR C 222 3.82 -23.19 -10.46
N SER C 223 2.66 -23.20 -11.12
CA SER C 223 1.89 -24.43 -11.30
C SER C 223 2.67 -25.40 -12.18
N GLN C 224 3.59 -24.86 -12.98
CA GLN C 224 4.43 -25.68 -13.85
C GLN C 224 5.16 -26.65 -12.95
N LEU C 225 5.87 -26.08 -11.97
CA LEU C 225 6.65 -26.86 -11.00
C LEU C 225 5.77 -27.70 -10.06
N ARG C 226 4.79 -27.08 -9.42
CA ARG C 226 3.94 -27.83 -8.52
C ARG C 226 2.99 -28.78 -9.26
N ASN C 227 3.16 -28.87 -10.58
CA ASN C 227 2.37 -29.80 -11.38
C ASN C 227 3.01 -31.16 -11.11
N ASP C 228 4.32 -31.14 -10.84
CA ASP C 228 5.08 -32.35 -10.56
C ASP C 228 5.36 -32.55 -9.06
N LYS C 229 4.53 -31.95 -8.21
CA LYS C 229 4.67 -32.06 -6.77
C LYS C 229 3.25 -32.02 -6.22
N TYR C 230 2.78 -30.86 -5.77
CA TYR C 230 1.41 -30.74 -5.29
C TYR C 230 0.90 -29.33 -5.48
N ASN C 231 -0.37 -29.24 -5.86
CA ASN C 231 -1.02 -27.97 -6.10
C ASN C 231 -2.13 -27.69 -5.09
N ASN C 232 -2.45 -28.70 -4.29
CA ASN C 232 -3.49 -28.55 -3.29
C ASN C 232 -3.20 -29.46 -2.11
N ILE C 233 -4.05 -29.39 -1.09
CA ILE C 233 -3.87 -30.20 0.11
C ILE C 233 -4.00 -31.71 -0.12
N SER C 234 -4.97 -32.12 -0.94
CA SER C 234 -5.15 -33.54 -1.21
C SER C 234 -3.88 -34.11 -1.82
N GLU C 235 -3.36 -33.42 -2.82
CA GLU C 235 -2.13 -33.82 -3.52
C GLU C 235 -0.93 -33.78 -2.59
N TYR C 236 -0.92 -32.80 -1.69
CA TYR C 236 0.16 -32.67 -0.70
C TYR C 236 0.16 -33.91 0.20
N ARG C 237 -1.03 -34.32 0.65
CA ARG C 237 -1.15 -35.47 1.51
C ARG C 237 -0.75 -36.77 0.80
N ASN C 238 -0.98 -36.84 -0.51
CA ASN C 238 -0.57 -37.99 -1.33
C ASN C 238 0.95 -37.96 -1.45
N TRP C 239 1.49 -36.75 -1.62
CA TRP C 239 2.93 -36.53 -1.74
C TRP C 239 3.61 -36.98 -0.42
N ILE C 240 2.90 -36.72 0.68
CA ILE C 240 3.35 -37.07 2.03
C ILE C 240 3.30 -38.58 2.21
N TYR C 241 2.17 -39.16 1.83
CA TYR C 241 1.94 -40.59 1.95
C TYR C 241 3.01 -41.45 1.26
N ARG C 242 3.42 -41.03 0.07
CA ARG C 242 4.41 -41.74 -0.74
C ARG C 242 5.87 -41.53 -0.36
N GLY C 243 6.15 -40.52 0.45
CA GLY C 243 7.53 -40.28 0.88
C GLY C 243 8.12 -38.95 0.45
N ARG C 244 7.27 -37.96 0.17
CA ARG C 244 7.70 -36.63 -0.26
C ARG C 244 8.48 -36.80 -1.55
N LYS C 245 7.87 -37.51 -2.49
CA LYS C 245 8.46 -37.82 -3.79
C LYS C 245 7.32 -38.25 -4.69
N SER D 2 -2.17 28.75 -16.08
CA SER D 2 -2.79 27.60 -16.74
C SER D 2 -3.25 26.66 -15.65
N LEU D 3 -3.81 25.51 -16.06
CA LEU D 3 -4.26 24.48 -15.13
C LEU D 3 -3.03 24.03 -14.34
N ARG D 4 -1.97 23.70 -15.08
CA ARG D 4 -0.73 23.24 -14.48
C ARG D 4 -0.13 24.19 -13.45
N SER D 5 0.03 25.45 -13.81
CA SER D 5 0.59 26.46 -12.89
C SER D 5 -0.33 26.66 -11.67
N ASP D 6 -1.63 26.75 -11.93
CA ASP D 6 -2.61 26.92 -10.88
C ASP D 6 -2.54 25.74 -9.92
N LEU D 7 -2.55 24.53 -10.46
CA LEU D 7 -2.51 23.32 -9.67
C LEU D 7 -1.27 23.28 -8.80
N ILE D 8 -0.11 23.55 -9.41
CA ILE D 8 1.15 23.57 -8.68
C ILE D 8 1.10 24.64 -7.59
N ASN D 9 0.50 25.78 -7.91
CA ASN D 9 0.41 26.86 -6.93
C ASN D 9 -0.53 26.44 -5.80
N ALA D 10 -1.60 25.75 -6.16
CA ALA D 10 -2.61 25.27 -5.23
C ALA D 10 -2.01 24.26 -4.28
N LEU D 11 -1.31 23.27 -4.82
CA LEU D 11 -0.68 22.24 -4.02
C LEU D 11 0.32 22.80 -3.03
N TYR D 12 1.20 23.69 -3.49
CA TYR D 12 2.19 24.27 -2.60
C TYR D 12 1.54 25.01 -1.44
N ASP D 13 0.52 25.80 -1.76
CA ASP D 13 -0.16 26.58 -0.73
C ASP D 13 -0.89 25.73 0.30
N GLU D 14 -1.51 24.66 -0.15
CA GLU D 14 -2.25 23.76 0.74
C GLU D 14 -1.28 23.08 1.70
N ASN D 15 -0.19 22.55 1.15
CA ASN D 15 0.82 21.85 1.94
C ASN D 15 1.48 22.77 2.97
N GLN D 16 1.53 24.06 2.65
CA GLN D 16 2.11 25.05 3.52
C GLN D 16 1.20 25.35 4.69
N LYS D 17 -0.09 25.46 4.39
CA LYS D 17 -1.08 25.81 5.38
C LYS D 17 -1.57 24.73 6.33
N TYR D 18 -1.57 23.47 5.89
CA TYR D 18 -2.09 22.38 6.72
C TYR D 18 -1.19 21.19 7.03
N ASP D 19 -1.29 20.69 8.26
CA ASP D 19 -0.53 19.54 8.71
C ASP D 19 -1.47 18.40 9.08
N VAL D 20 -1.57 17.39 8.22
CA VAL D 20 -2.43 16.26 8.52
C VAL D 20 -1.80 15.62 9.75
N CYS D 21 -2.64 15.31 10.74
CA CYS D 21 -2.16 14.72 11.99
C CYS D 21 -2.87 13.45 12.45
N GLY D 22 -4.02 13.13 11.88
CA GLY D 22 -4.69 11.90 12.31
C GLY D 22 -5.98 11.60 11.58
N ILE D 23 -6.60 10.47 11.90
CA ILE D 23 -7.86 10.10 11.28
C ILE D 23 -8.95 10.36 12.32
N ILE D 24 -10.05 10.92 11.87
CA ILE D 24 -11.14 11.26 12.76
C ILE D 24 -12.40 10.46 12.46
N SER D 25 -13.04 10.02 13.55
CA SER D 25 -14.31 9.25 13.52
C SER D 25 -15.48 10.25 13.49
N ALA D 26 -16.64 9.78 13.09
CA ALA D 26 -17.83 10.63 13.03
C ALA D 26 -18.22 11.03 14.45
N GLU D 27 -17.82 10.19 15.40
CA GLU D 27 -18.10 10.41 16.82
C GLU D 27 -17.07 11.37 17.42
N GLY D 28 -16.11 11.82 16.61
CA GLY D 28 -15.13 12.76 17.12
C GLY D 28 -13.85 12.20 17.71
N LYS D 29 -13.70 10.88 17.76
CA LYS D 29 -12.47 10.32 18.29
C LYS D 29 -11.40 10.36 17.18
N ILE D 30 -10.15 10.63 17.55
CA ILE D 30 -9.09 10.73 16.57
C ILE D 30 -7.95 9.75 16.82
N TYR D 31 -7.54 9.04 15.78
CA TYR D 31 -6.45 8.09 15.89
C TYR D 31 -5.23 8.68 15.17
N PRO D 32 -4.09 8.73 15.88
CA PRO D 32 -2.88 9.29 15.25
C PRO D 32 -2.40 8.53 14.01
N LEU D 33 -1.54 9.21 13.26
CA LEU D 33 -0.97 8.71 12.02
C LEU D 33 0.35 7.98 12.19
N GLY D 34 0.55 6.94 11.37
CA GLY D 34 1.81 6.23 11.39
C GLY D 34 2.80 7.07 10.61
N SER D 35 4.09 6.82 10.77
CA SER D 35 5.10 7.59 10.08
C SER D 35 5.78 6.79 8.97
N ASP D 36 5.11 5.74 8.50
CA ASP D 36 5.62 4.86 7.45
C ASP D 36 5.04 5.34 6.11
N THR D 37 5.85 5.27 5.05
CA THR D 37 5.36 5.75 3.78
C THR D 37 4.08 5.09 3.24
N LYS D 38 3.79 3.87 3.64
CA LYS D 38 2.53 3.28 3.18
C LYS D 38 1.39 4.11 3.74
N VAL D 39 1.52 4.53 5.00
CA VAL D 39 0.50 5.37 5.63
C VAL D 39 0.47 6.74 4.96
N LEU D 40 1.64 7.35 4.88
CA LEU D 40 1.80 8.70 4.33
C LEU D 40 1.42 8.85 2.86
N SER D 41 1.65 7.81 2.07
CA SER D 41 1.30 7.84 0.65
C SER D 41 -0.19 8.03 0.54
N THR D 42 -0.94 7.23 1.30
CA THR D 42 -2.40 7.27 1.38
C THR D 42 -2.90 8.66 1.80
N ILE D 43 -2.29 9.16 2.87
CA ILE D 43 -2.62 10.47 3.43
C ILE D 43 -2.45 11.54 2.33
N PHE D 44 -1.22 11.70 1.86
CA PHE D 44 -0.92 12.68 0.83
C PHE D 44 -1.83 12.62 -0.41
N GLU D 45 -2.21 11.41 -0.81
CA GLU D 45 -3.10 11.22 -1.95
C GLU D 45 -4.47 11.83 -1.64
N LEU D 46 -4.98 11.54 -0.44
CA LEU D 46 -6.27 12.05 0.00
C LEU D 46 -6.25 13.58 0.17
N PHE D 47 -5.11 14.09 0.63
CA PHE D 47 -4.88 15.53 0.86
C PHE D 47 -4.92 16.32 -0.48
N SER D 48 -4.39 15.69 -1.53
CA SER D 48 -4.32 16.24 -2.87
C SER D 48 -5.65 16.26 -3.63
N ARG D 49 -6.45 15.22 -3.45
CA ARG D 49 -7.72 15.09 -4.17
C ARG D 49 -8.65 16.30 -4.19
N PRO D 50 -8.90 16.92 -3.02
CA PRO D 50 -9.80 18.08 -3.13
C PRO D 50 -9.20 19.26 -3.89
N ILE D 51 -7.92 19.52 -3.70
CA ILE D 51 -7.28 20.63 -4.41
C ILE D 51 -7.32 20.39 -5.93
N ILE D 52 -6.87 19.20 -6.35
CA ILE D 52 -6.85 18.79 -7.76
C ILE D 52 -8.23 18.95 -8.38
N ASN D 53 -9.25 18.52 -7.67
CA ASN D 53 -10.63 18.59 -8.14
C ASN D 53 -11.08 20.05 -8.25
N LYS D 54 -10.66 20.84 -7.27
CA LYS D 54 -10.99 22.25 -7.22
C LYS D 54 -10.49 22.92 -8.49
N ILE D 55 -9.16 22.93 -8.65
CA ILE D 55 -8.53 23.57 -9.80
C ILE D 55 -9.03 23.04 -11.16
N ALA D 56 -9.19 21.73 -11.26
CA ALA D 56 -9.68 21.14 -12.50
C ALA D 56 -11.01 21.76 -12.88
N GLU D 57 -11.90 21.87 -11.88
CA GLU D 57 -13.22 22.45 -12.08
C GLU D 57 -13.09 23.90 -12.53
N LYS D 58 -12.10 24.59 -11.98
CA LYS D 58 -11.84 25.99 -12.32
C LYS D 58 -11.37 26.15 -13.78
N HIS D 59 -10.99 25.03 -14.40
CA HIS D 59 -10.53 25.04 -15.78
C HIS D 59 -11.44 24.27 -16.75
N GLY D 60 -12.52 23.71 -16.24
CA GLY D 60 -13.44 23.00 -17.10
C GLY D 60 -13.13 21.53 -17.34
N TYR D 61 -12.35 20.94 -16.44
CA TYR D 61 -12.00 19.54 -16.57
C TYR D 61 -12.78 18.58 -15.68
N ILE D 62 -13.16 17.43 -16.25
CA ILE D 62 -13.85 16.37 -15.53
C ILE D 62 -12.71 15.58 -14.89
N VAL D 63 -12.84 15.24 -13.61
CA VAL D 63 -11.84 14.47 -12.89
C VAL D 63 -12.41 13.09 -12.64
N GLU D 64 -11.71 12.06 -13.08
CA GLU D 64 -12.17 10.69 -12.87
C GLU D 64 -11.08 9.88 -12.22
N GLU D 65 -11.45 9.11 -11.21
CA GLU D 65 -10.50 8.27 -10.50
C GLU D 65 -10.75 6.87 -11.03
N PRO D 66 -9.80 5.94 -10.83
CA PRO D 66 -10.07 4.59 -11.35
C PRO D 66 -11.15 3.81 -10.62
N LYS D 67 -11.98 3.11 -11.39
CA LYS D 67 -13.05 2.31 -10.83
C LYS D 67 -12.50 0.99 -10.29
N GLN D 68 -11.36 0.56 -10.83
CA GLN D 68 -10.72 -0.67 -10.38
C GLN D 68 -9.38 -0.28 -9.76
N GLN D 69 -8.90 -1.09 -8.84
CA GLN D 69 -7.67 -0.82 -8.12
C GLN D 69 -6.32 -0.75 -8.86
N ASN D 70 -5.93 -1.80 -9.58
CA ASN D 70 -4.64 -1.78 -10.27
C ASN D 70 -4.73 -0.97 -11.56
N HIS D 71 -5.27 0.24 -11.49
CA HIS D 71 -5.42 1.07 -12.69
C HIS D 71 -4.86 2.47 -12.61
N TYR D 72 -3.92 2.76 -13.50
CA TYR D 72 -3.30 4.07 -13.60
C TYR D 72 -4.29 4.93 -14.40
N PRO D 73 -4.39 6.22 -14.08
CA PRO D 73 -3.66 6.98 -13.06
C PRO D 73 -4.59 7.31 -11.92
N ASP D 74 -4.07 7.98 -10.89
CA ASP D 74 -4.91 8.35 -9.77
C ASP D 74 -6.03 9.27 -10.22
N PHE D 75 -5.70 10.20 -11.11
CA PHE D 75 -6.69 11.14 -11.62
C PHE D 75 -6.55 11.35 -13.12
N THR D 76 -7.69 11.31 -13.81
CA THR D 76 -7.75 11.54 -15.24
C THR D 76 -8.58 12.82 -15.43
N LEU D 77 -7.96 13.86 -15.99
CA LEU D 77 -8.65 15.12 -16.22
C LEU D 77 -8.84 15.35 -17.71
N TYR D 78 -10.03 15.81 -18.09
CA TYR D 78 -10.32 16.10 -19.50
C TYR D 78 -11.60 16.92 -19.69
N LYS D 79 -11.64 17.74 -20.75
CA LYS D 79 -12.83 18.54 -21.06
C LYS D 79 -13.69 17.57 -21.90
N PRO D 80 -15.02 17.60 -21.70
CA PRO D 80 -15.76 16.64 -22.53
C PRO D 80 -15.73 16.92 -24.03
N SER D 81 -15.36 18.15 -24.38
CA SER D 81 -15.27 18.59 -25.76
C SER D 81 -14.07 17.96 -26.48
N GLU D 82 -13.00 17.71 -25.72
CA GLU D 82 -11.77 17.13 -26.25
C GLU D 82 -11.37 15.89 -25.45
N PRO D 83 -12.17 14.82 -25.56
CA PRO D 83 -11.86 13.59 -24.82
C PRO D 83 -10.57 12.88 -25.23
N ASN D 84 -10.04 13.22 -26.40
CA ASN D 84 -8.81 12.61 -26.89
C ASN D 84 -7.57 13.33 -26.32
N LYS D 85 -7.79 14.34 -25.50
CA LYS D 85 -6.70 15.11 -24.90
C LYS D 85 -6.74 15.06 -23.37
N LYS D 86 -6.70 13.84 -22.82
CA LYS D 86 -6.76 13.63 -21.38
C LYS D 86 -5.43 13.81 -20.68
N ILE D 87 -5.49 14.27 -19.43
CA ILE D 87 -4.30 14.48 -18.61
C ILE D 87 -4.27 13.49 -17.44
N ALA D 88 -3.17 12.76 -17.31
CA ALA D 88 -2.97 11.78 -16.25
C ALA D 88 -2.18 12.40 -15.10
N ILE D 89 -2.70 12.28 -13.89
CA ILE D 89 -1.99 12.83 -12.75
C ILE D 89 -1.92 11.74 -11.67
N ASP D 90 -0.68 11.39 -11.35
CA ASP D 90 -0.35 10.34 -10.38
C ASP D 90 0.35 10.93 -9.17
N ILE D 91 -0.01 10.41 -7.99
CA ILE D 91 0.56 10.87 -6.72
C ILE D 91 1.66 9.90 -6.31
N LYS D 92 2.85 10.44 -6.08
CA LYS D 92 4.01 9.66 -5.72
C LYS D 92 4.56 10.21 -4.42
N THR D 93 5.11 9.31 -3.61
CA THR D 93 5.65 9.70 -2.32
C THR D 93 6.95 8.97 -2.06
N THR D 94 7.85 9.63 -1.36
CA THR D 94 9.12 9.07 -0.92
C THR D 94 9.57 9.89 0.30
N TYR D 95 10.65 9.46 0.94
CA TYR D 95 11.15 10.11 2.14
C TYR D 95 12.64 10.39 2.16
N THR D 96 13.02 11.36 2.98
CA THR D 96 14.42 11.70 3.20
C THR D 96 14.70 11.47 4.68
N ASN D 97 15.95 11.15 4.99
CA ASN D 97 16.34 10.93 6.37
C ASN D 97 16.76 12.28 6.91
N LYS D 98 17.63 12.97 6.17
CA LYS D 98 18.10 14.28 6.60
C LYS D 98 17.15 15.38 6.16
N LYS D 102 19.75 13.37 -1.65
CA LYS D 102 19.20 12.87 -2.90
C LYS D 102 18.09 11.84 -2.65
N ILE D 103 17.07 11.90 -3.49
CA ILE D 103 15.91 11.02 -3.39
C ILE D 103 15.62 10.31 -4.72
N LYS D 104 14.65 9.43 -4.71
CA LYS D 104 14.23 8.70 -5.90
C LYS D 104 12.79 8.20 -5.76
N PHE D 105 12.08 8.09 -6.88
CA PHE D 105 10.71 7.63 -6.89
C PHE D 105 10.58 6.42 -7.78
N THR D 106 9.47 5.69 -7.62
CA THR D 106 9.15 4.54 -8.47
C THR D 106 8.08 5.20 -9.33
N LEU D 107 8.38 5.31 -10.62
CA LEU D 107 7.50 5.99 -11.54
C LEU D 107 6.49 5.17 -12.30
N GLY D 108 6.10 4.02 -11.76
CA GLY D 108 5.10 3.25 -12.45
C GLY D 108 5.65 2.03 -13.15
N GLY D 109 4.76 1.14 -13.54
CA GLY D 109 5.18 -0.07 -14.20
C GLY D 109 5.63 0.14 -15.63
N TYR D 110 6.57 -0.69 -16.06
CA TYR D 110 7.07 -0.61 -17.41
C TYR D 110 6.59 -1.71 -18.34
N THR D 111 5.70 -2.57 -17.83
CA THR D 111 5.16 -3.67 -18.64
C THR D 111 3.64 -3.62 -18.80
N SER D 112 3.03 -2.55 -18.29
CA SER D 112 1.57 -2.38 -18.38
C SER D 112 1.13 -1.51 -19.60
N PHE D 113 0.42 -0.41 -19.32
CA PHE D 113 -0.09 0.52 -20.35
C PHE D 113 0.94 1.09 -21.34
N ILE D 114 2.22 1.20 -20.94
CA ILE D 114 3.24 1.73 -21.86
C ILE D 114 3.54 0.72 -22.97
N ARG D 115 3.33 -0.56 -22.71
CA ARG D 115 3.55 -1.58 -23.72
C ARG D 115 2.24 -2.06 -24.31
N ASN D 116 1.13 -1.82 -23.60
CA ASN D 116 -0.18 -2.24 -24.08
C ASN D 116 -1.14 -1.09 -23.84
N ASN D 117 -1.62 -0.51 -24.93
CA ASN D 117 -2.53 0.63 -24.91
C ASN D 117 -3.73 0.59 -23.95
N THR D 118 -4.17 -0.60 -23.55
CA THR D 118 -5.31 -0.69 -22.66
C THR D 118 -5.08 -1.50 -21.37
N LYS D 119 -3.82 -1.78 -21.07
CA LYS D 119 -3.53 -2.57 -19.90
C LYS D 119 -3.31 -1.79 -18.61
N ASN D 120 -4.18 -2.03 -17.64
CA ASN D 120 -4.10 -1.42 -16.32
C ASN D 120 -4.13 0.09 -16.34
N ILE D 121 -5.02 0.63 -17.16
CA ILE D 121 -5.13 2.08 -17.29
C ILE D 121 -6.61 2.38 -17.47
N VAL D 122 -7.06 3.48 -16.87
CA VAL D 122 -8.46 3.87 -16.93
C VAL D 122 -8.97 4.05 -18.37
N TYR D 123 -8.17 4.73 -19.18
CA TYR D 123 -8.51 4.99 -20.57
C TYR D 123 -7.32 4.58 -21.41
N PRO D 124 -7.55 4.15 -22.65
CA PRO D 124 -6.41 3.75 -23.49
C PRO D 124 -5.29 4.79 -23.42
N PHE D 125 -4.06 4.32 -23.29
CA PHE D 125 -2.91 5.19 -23.18
C PHE D 125 -2.87 6.29 -24.26
N ASP D 126 -3.32 5.96 -25.46
CA ASP D 126 -3.28 6.92 -26.54
C ASP D 126 -4.21 8.13 -26.39
N GLN D 127 -5.11 8.10 -25.41
CA GLN D 127 -6.00 9.23 -25.20
C GLN D 127 -5.42 10.28 -24.25
N TYR D 128 -4.27 10.00 -23.64
CA TYR D 128 -3.61 10.94 -22.73
C TYR D 128 -2.51 11.71 -23.46
N ILE D 129 -2.51 13.03 -23.30
CA ILE D 129 -1.52 13.88 -23.97
C ILE D 129 -0.45 14.40 -22.99
N ALA D 130 -0.63 14.11 -21.70
CA ALA D 130 0.30 14.53 -20.66
C ALA D 130 0.19 13.61 -19.45
N HIS D 131 1.33 13.33 -18.85
CA HIS D 131 1.40 12.44 -17.68
C HIS D 131 2.17 13.19 -16.60
N TRP D 132 1.41 13.72 -15.63
CA TRP D 132 2.00 14.47 -14.53
C TRP D 132 2.15 13.64 -13.28
N ILE D 133 3.19 13.96 -12.52
CA ILE D 133 3.49 13.31 -11.25
C ILE D 133 3.52 14.39 -10.17
N ILE D 134 2.66 14.23 -9.15
CA ILE D 134 2.69 15.15 -7.99
C ILE D 134 3.52 14.34 -6.99
N GLY D 135 4.72 14.80 -6.67
CA GLY D 135 5.55 14.04 -5.77
C GLY D 135 5.72 14.68 -4.42
N TYR D 136 5.53 13.88 -3.37
CA TYR D 136 5.67 14.33 -1.99
C TYR D 136 6.94 13.73 -1.39
N VAL D 137 7.73 14.57 -0.76
CA VAL D 137 8.98 14.14 -0.13
C VAL D 137 8.91 14.58 1.32
N TYR D 138 8.76 13.63 2.23
CA TYR D 138 8.71 13.97 3.62
C TYR D 138 9.99 13.51 4.31
N THR D 139 10.45 14.31 5.27
CA THR D 139 11.62 13.95 6.04
C THR D 139 11.06 13.08 7.15
N ARG D 140 11.60 11.88 7.30
CA ARG D 140 11.11 10.95 8.30
C ARG D 140 11.30 11.53 9.70
N VAL D 141 10.24 11.44 10.49
CA VAL D 141 10.26 11.94 11.86
C VAL D 141 10.61 10.74 12.74
N SER D 147 2.08 8.27 17.95
CA SER D 147 1.57 7.99 19.29
C SER D 147 0.93 6.61 19.37
N LEU D 148 0.49 6.26 20.56
CA LEU D 148 -0.14 4.96 20.82
C LEU D 148 -1.47 5.15 21.56
N LYS D 149 -1.98 6.37 21.55
CA LYS D 149 -3.22 6.70 22.23
C LYS D 149 -4.16 7.36 21.26
N THR D 150 -5.38 7.66 21.71
CA THR D 150 -6.36 8.32 20.87
C THR D 150 -6.59 9.72 21.43
N TYR D 151 -7.24 10.58 20.66
CA TYR D 151 -7.45 11.96 21.06
C TYR D 151 -8.86 12.43 20.78
N ASN D 152 -9.14 13.62 21.29
CA ASN D 152 -10.41 14.30 21.12
C ASN D 152 -10.08 15.54 20.29
N ILE D 153 -11.10 16.14 19.68
CA ILE D 153 -10.98 17.34 18.85
C ILE D 153 -10.30 18.53 19.54
N ASN D 154 -10.25 18.49 20.87
CA ASN D 154 -9.62 19.57 21.63
C ASN D 154 -8.13 19.35 21.77
N GLU D 155 -7.67 18.14 21.46
CA GLU D 155 -6.26 17.83 21.62
C GLU D 155 -5.41 17.86 20.34
N LEU D 156 -5.97 18.36 19.23
CA LEU D 156 -5.26 18.43 17.92
C LEU D 156 -3.81 18.90 17.96
N ASN D 157 -3.53 19.93 18.75
CA ASN D 157 -2.19 20.45 18.86
C ASN D 157 -1.25 19.49 19.61
N GLU D 158 -1.83 18.48 20.25
CA GLU D 158 -1.04 17.48 20.98
C GLU D 158 -0.67 16.21 20.18
N ILE D 159 -1.44 15.90 19.15
CA ILE D 159 -1.17 14.73 18.32
C ILE D 159 0.17 14.83 17.59
N PRO D 160 1.06 13.85 17.78
CA PRO D 160 2.36 13.87 17.11
C PRO D 160 2.31 13.82 15.57
N LYS D 161 3.04 14.73 14.92
CA LYS D 161 3.12 14.82 13.45
C LYS D 161 4.09 13.71 13.01
N PRO D 162 3.67 12.86 12.05
CA PRO D 162 4.54 11.77 11.60
C PRO D 162 5.60 12.10 10.54
N TYR D 163 6.00 13.36 10.48
CA TYR D 163 7.00 13.80 9.51
C TYR D 163 7.66 15.04 10.05
N LYS D 164 8.94 15.23 9.74
CA LYS D 164 9.67 16.41 10.21
C LYS D 164 9.37 17.57 9.28
N GLY D 165 9.07 17.25 8.02
CA GLY D 165 8.76 18.26 7.02
C GLY D 165 8.27 17.60 5.76
N VAL D 166 7.66 18.36 4.86
CA VAL D 166 7.16 17.80 3.61
C VAL D 166 7.21 18.80 2.47
N LYS D 167 7.64 18.34 1.31
CA LYS D 167 7.73 19.15 0.10
C LYS D 167 6.94 18.46 -1.01
N VAL D 168 6.38 19.26 -1.92
CA VAL D 168 5.60 18.71 -3.02
C VAL D 168 6.01 19.37 -4.33
N PHE D 169 6.04 18.58 -5.42
CA PHE D 169 6.36 19.10 -6.74
C PHE D 169 5.39 18.51 -7.76
N LEU D 170 5.22 19.17 -8.89
CA LEU D 170 4.36 18.69 -9.96
C LEU D 170 5.33 18.72 -11.14
N GLN D 171 5.60 17.56 -11.72
CA GLN D 171 6.54 17.49 -12.83
C GLN D 171 6.10 16.43 -13.83
N ASP D 172 6.54 16.57 -15.08
CA ASP D 172 6.23 15.61 -16.14
C ASP D 172 6.96 14.33 -15.81
N LYS D 173 6.24 13.23 -15.92
CA LYS D 173 6.81 11.93 -15.63
C LYS D 173 8.08 11.64 -16.46
N TRP D 174 8.04 11.89 -17.76
CA TRP D 174 9.21 11.61 -18.60
C TRP D 174 10.44 12.42 -18.22
N VAL D 175 10.20 13.67 -17.85
CA VAL D 175 11.24 14.62 -17.47
C VAL D 175 12.10 14.15 -16.29
N ILE D 176 11.47 13.50 -15.31
CA ILE D 176 12.19 13.02 -14.13
C ILE D 176 12.59 11.53 -14.14
N ALA D 177 12.22 10.84 -15.21
CA ALA D 177 12.55 9.43 -15.34
C ALA D 177 14.05 9.17 -15.49
N GLY D 178 14.49 8.04 -14.95
CA GLY D 178 15.89 7.63 -15.00
C GLY D 178 16.02 6.40 -15.90
N ASP D 179 17.20 5.80 -15.94
CA ASP D 179 17.42 4.64 -16.81
C ASP D 179 17.55 3.33 -16.05
N LEU D 180 17.54 3.41 -14.73
CA LEU D 180 17.61 2.21 -13.90
C LEU D 180 16.21 1.99 -13.32
N ALA D 181 15.80 0.72 -13.27
CA ALA D 181 14.50 0.34 -12.74
C ALA D 181 14.32 0.77 -11.28
N GLY D 182 13.09 1.10 -10.92
CA GLY D 182 12.78 1.50 -9.56
C GLY D 182 12.41 0.31 -8.67
N SER D 183 12.05 -0.81 -9.28
CA SER D 183 11.71 -2.04 -8.56
C SER D 183 12.00 -3.24 -9.47
N GLY D 184 12.36 -4.37 -8.85
CA GLY D 184 12.68 -5.59 -9.59
C GLY D 184 11.49 -6.40 -9.99
N ASN D 185 10.98 -7.23 -9.08
CA ASN D 185 9.84 -8.08 -9.41
C ASN D 185 8.59 -7.29 -9.83
N THR D 186 8.43 -6.07 -9.31
CA THR D 186 7.26 -5.29 -9.68
C THR D 186 7.52 -4.35 -10.87
N THR D 187 8.59 -4.64 -11.61
CA THR D 187 8.95 -3.94 -12.84
C THR D 187 8.53 -2.47 -12.93
N ASN D 188 9.10 -1.67 -12.05
CA ASN D 188 8.80 -0.25 -12.03
C ASN D 188 9.92 0.57 -12.65
N ILE D 189 9.51 1.62 -13.33
CA ILE D 189 10.43 2.56 -13.92
C ILE D 189 11.06 3.30 -12.72
N GLY D 190 12.36 3.56 -12.80
CA GLY D 190 13.04 4.29 -11.73
C GLY D 190 13.18 5.74 -12.16
N SER D 191 13.15 6.66 -11.20
CA SER D 191 13.30 8.09 -11.50
C SER D 191 14.79 8.44 -11.40
N ILE D 192 15.13 9.70 -11.61
CA ILE D 192 16.51 10.13 -11.45
C ILE D 192 16.75 10.08 -9.94
N HIS D 193 18.01 9.81 -9.57
CA HIS D 193 18.39 9.80 -8.16
C HIS D 193 19.04 11.17 -8.03
N ALA D 194 18.26 12.14 -7.57
CA ALA D 194 18.75 13.51 -7.48
C ALA D 194 18.20 14.28 -6.28
N HIS D 195 18.63 15.53 -6.16
CA HIS D 195 18.16 16.39 -5.09
C HIS D 195 16.84 16.99 -5.50
N TYR D 196 15.95 17.14 -4.54
CA TYR D 196 14.62 17.67 -4.76
C TYR D 196 14.54 18.79 -5.83
N LYS D 197 15.56 19.64 -5.88
CA LYS D 197 15.58 20.77 -6.82
C LYS D 197 15.57 20.35 -8.28
N ASP D 198 16.26 19.25 -8.60
CA ASP D 198 16.33 18.75 -9.98
C ASP D 198 14.98 18.22 -10.44
N PHE D 199 14.15 17.78 -9.48
CA PHE D 199 12.83 17.29 -9.81
C PHE D 199 11.99 18.49 -10.17
N VAL D 200 12.11 19.56 -9.40
CA VAL D 200 11.37 20.77 -9.67
C VAL D 200 11.91 21.39 -10.98
N GLU D 201 13.24 21.42 -11.14
CA GLU D 201 13.88 21.98 -12.35
C GLU D 201 13.69 21.11 -13.57
N GLY D 202 13.41 19.84 -13.34
CA GLY D 202 13.19 18.92 -14.44
C GLY D 202 14.47 18.49 -15.10
N LYS D 203 15.55 18.44 -14.34
CA LYS D 203 16.87 18.05 -14.83
C LYS D 203 16.99 16.52 -14.95
N GLY D 204 16.36 15.96 -15.98
CA GLY D 204 16.39 14.52 -16.20
C GLY D 204 17.53 14.04 -17.07
N ILE D 205 17.38 12.82 -17.60
CA ILE D 205 18.41 12.24 -18.46
C ILE D 205 17.97 12.01 -19.90
N PHE D 206 16.68 11.95 -20.15
CA PHE D 206 16.15 11.71 -21.50
C PHE D 206 16.17 12.95 -22.41
N ASP D 207 16.32 12.74 -23.70
CA ASP D 207 16.36 13.85 -24.65
C ASP D 207 14.96 14.38 -24.94
N SER D 208 13.97 13.48 -24.81
CA SER D 208 12.59 13.81 -25.07
C SER D 208 11.74 12.70 -24.47
N GLU D 209 10.42 12.86 -24.53
CA GLU D 209 9.47 11.87 -24.05
C GLU D 209 9.48 10.66 -24.98
N ASP D 210 9.80 10.88 -26.25
CA ASP D 210 9.88 9.80 -27.21
C ASP D 210 10.99 8.86 -26.79
N GLU D 211 12.15 9.42 -26.42
CA GLU D 211 13.26 8.61 -26.00
C GLU D 211 12.89 7.89 -24.70
N PHE D 212 12.22 8.60 -23.78
CA PHE D 212 11.79 8.03 -22.49
C PHE D 212 10.89 6.81 -22.73
N LEU D 213 9.83 7.00 -23.49
CA LEU D 213 8.93 5.90 -23.78
C LEU D 213 9.61 4.70 -24.42
N ASP D 214 10.42 4.95 -25.45
CA ASP D 214 11.10 3.87 -26.15
C ASP D 214 12.06 3.10 -25.26
N TYR D 215 12.78 3.81 -24.42
CA TYR D 215 13.72 3.18 -23.52
C TYR D 215 13.01 2.19 -22.59
N TRP D 216 11.87 2.59 -22.03
CA TRP D 216 11.14 1.72 -21.11
C TRP D 216 10.27 0.62 -21.74
N ARG D 217 9.85 0.86 -22.97
CA ARG D 217 9.09 -0.10 -23.74
C ARG D 217 9.99 -1.27 -24.19
N ASN D 218 11.29 -1.01 -24.29
CA ASN D 218 12.25 -2.02 -24.75
C ASN D 218 13.24 -2.49 -23.69
N TYR D 219 12.99 -2.09 -22.45
CA TYR D 219 13.84 -2.46 -21.31
C TYR D 219 13.51 -3.89 -20.86
N GLU D 220 14.54 -4.74 -20.81
CA GLU D 220 14.40 -6.13 -20.39
C GLU D 220 14.34 -6.19 -18.87
N ARG D 221 13.50 -7.06 -18.33
CA ARG D 221 13.34 -7.15 -16.87
C ARG D 221 14.46 -7.66 -15.97
N THR D 222 15.45 -8.34 -16.52
CA THR D 222 16.54 -8.87 -15.71
C THR D 222 17.90 -8.51 -16.29
N SER D 223 18.94 -8.50 -15.45
CA SER D 223 20.29 -8.17 -15.89
C SER D 223 20.73 -9.03 -17.06
N GLN D 224 20.63 -10.35 -16.92
CA GLN D 224 21.03 -11.27 -17.97
C GLN D 224 20.45 -10.83 -19.32
N LEU D 225 19.14 -10.73 -19.39
CA LEU D 225 18.45 -10.32 -20.62
C LEU D 225 19.04 -9.05 -21.21
N ARG D 226 18.91 -7.94 -20.47
CA ARG D 226 19.41 -6.67 -20.97
C ARG D 226 20.93 -6.59 -21.05
N ASN D 227 21.61 -7.57 -20.50
CA ASN D 227 23.06 -7.60 -20.53
C ASN D 227 23.43 -7.68 -22.00
N ASP D 228 22.53 -8.28 -22.78
CA ASP D 228 22.72 -8.39 -24.22
C ASP D 228 21.77 -7.42 -24.93
N LYS D 229 21.69 -6.19 -24.41
CA LYS D 229 20.83 -5.16 -24.99
C LYS D 229 21.25 -3.79 -24.46
N TYR D 230 20.84 -3.48 -23.23
CA TYR D 230 21.18 -2.24 -22.58
C TYR D 230 20.76 -2.20 -21.11
N ASN D 231 21.62 -1.61 -20.30
CA ASN D 231 21.44 -1.49 -18.85
C ASN D 231 21.22 -0.02 -18.50
N ASN D 232 21.69 0.87 -19.37
CA ASN D 232 21.58 2.31 -19.13
C ASN D 232 21.31 3.09 -20.43
N ILE D 233 21.23 4.40 -20.31
CA ILE D 233 20.95 5.27 -21.45
C ILE D 233 22.02 5.21 -22.55
N SER D 234 23.29 5.21 -22.16
CA SER D 234 24.37 5.16 -23.12
C SER D 234 24.26 3.90 -23.97
N GLU D 235 24.08 2.77 -23.31
CA GLU D 235 23.95 1.49 -24.00
C GLU D 235 22.71 1.44 -24.86
N TYR D 236 21.64 2.10 -24.41
CA TYR D 236 20.40 2.16 -25.17
C TYR D 236 20.65 2.92 -26.49
N ARG D 237 21.38 4.01 -26.36
CA ARG D 237 21.69 4.85 -27.50
C ARG D 237 22.57 4.07 -28.48
N ASN D 238 23.41 3.18 -27.94
CA ASN D 238 24.26 2.33 -28.78
C ASN D 238 23.38 1.28 -29.47
N TRP D 239 22.40 0.76 -28.74
CA TRP D 239 21.43 -0.22 -29.26
C TRP D 239 20.63 0.37 -30.43
N ILE D 240 20.30 1.66 -30.32
CA ILE D 240 19.60 2.36 -31.37
C ILE D 240 20.54 2.38 -32.60
N TYR D 241 21.78 2.79 -32.39
CA TYR D 241 22.76 2.85 -33.47
C TYR D 241 22.88 1.50 -34.19
N ARG D 242 22.97 0.42 -33.44
CA ARG D 242 23.10 -0.93 -34.01
C ARG D 242 21.87 -1.39 -34.81
N GLY D 243 20.82 -0.59 -34.80
CA GLY D 243 19.62 -0.94 -35.54
C GLY D 243 18.59 -1.65 -34.68
N ARG D 244 18.52 -1.28 -33.40
CA ARG D 244 17.57 -1.89 -32.46
C ARG D 244 17.85 -3.38 -32.42
N LYS D 245 19.15 -3.66 -32.28
CA LYS D 245 19.70 -4.99 -32.21
C LYS D 245 20.98 -4.81 -31.39
#